data_5EV1
#
_entry.id   5EV1
#
_cell.length_a   62.052
_cell.length_b   114.241
_cell.length_c   59.418
_cell.angle_alpha   90.000
_cell.angle_beta   90.000
_cell.angle_gamma   90.000
#
_symmetry.space_group_name_H-M   'C 2 2 21'
#
loop_
_entity.id
_entity.type
_entity.pdbx_description
1 polymer 'Splicing factor U2AF 65 kDa subunit'
2 polymer "DNA/RNA (5'-R(*UP*UP*U)-D(P*UP*UP*(BRU)P*U)-R(P*UP*U)-3')"
3 non-polymer 'SODIUM ION'
4 non-polymer 'TRIETHYLENE GLYCOL'
5 non-polymer DI(HYDROXYETHYL)ETHER
6 water water
#
loop_
_entity_poly.entity_id
_entity_poly.type
_entity_poly.pdbx_seq_one_letter_code
_entity_poly.pdbx_strand_id
1 'polypeptide(L)'
;GSQMTRQARRLYVGNIPFGITEEAMMDFFNAQMRLGGLTQAPGNPVLAVQINQDKNFAFLEFRSVDETTQAMAFDGIIFQ
GQSLKIRRPHDYQPLPGMSENPSVYVPGVVSTVVPDSAHKLFIGGLPNYLNDDQVKELLTSFGPLKAFNLVKDSATGLSK
GYAFCEYVDINVTDQAIAGLNGMQLGDKKLLVQRASVGAKN
;
A
2 'polydeoxyribonucleotide/polyribonucleotide hybrid' UUU(DU)(DU)(BRU)(DU)UU B
#
loop_
_chem_comp.id
_chem_comp.type
_chem_comp.name
_chem_comp.formula
BRU DNA linking 5-BROMO-2'-DEOXYURIDINE-5'-MONOPHOSPHATE 'C9 H12 Br N2 O8 P'
DU DNA linking 2'-DEOXYURIDINE-5'-MONOPHOSPHATE 'C9 H13 N2 O8 P'
NA non-polymer 'SODIUM ION' 'Na 1'
PEG non-polymer DI(HYDROXYETHYL)ETHER 'C4 H10 O3'
PGE non-polymer 'TRIETHYLENE GLYCOL' 'C6 H14 O4'
U RNA linking URIDINE-5'-MONOPHOSPHATE 'C9 H13 N2 O9 P'
#
# COMPACT_ATOMS: atom_id res chain seq x y z
N GLN A 3 22.89 -2.33 14.45
CA GLN A 3 22.62 -3.74 14.76
C GLN A 3 21.09 -4.01 14.67
N MET A 4 20.53 -4.48 15.78
CA MET A 4 19.14 -4.26 16.16
C MET A 4 18.69 -2.82 15.96
N THR A 5 19.53 -1.85 16.32
CA THR A 5 19.12 -0.47 16.12
C THR A 5 18.98 -0.14 14.65
N ARG A 6 19.81 -0.73 13.79
CA ARG A 6 19.75 -0.36 12.38
C ARG A 6 18.50 -0.92 11.74
N GLN A 7 18.06 -2.10 12.16
CA GLN A 7 16.85 -2.67 11.62
C GLN A 7 15.59 -1.93 12.12
N ALA A 8 15.67 -1.23 13.23
CA ALA A 8 14.59 -0.38 13.70
C ALA A 8 14.61 0.98 13.01
N ARG A 9 15.53 1.17 12.06
CA ARG A 9 15.60 2.39 11.24
C ARG A 9 15.44 2.08 9.74
N ARG A 10 15.04 0.86 9.37
CA ARG A 10 14.83 0.47 7.98
C ARG A 10 13.40 0.00 7.73
N LEU A 11 12.92 0.25 6.51
CA LEU A 11 11.62 -0.25 6.05
C LEU A 11 11.73 -0.86 4.65
N TYR A 12 11.00 -1.95 4.47
CA TYR A 12 10.76 -2.51 3.16
C TYR A 12 9.67 -1.72 2.49
N VAL A 13 9.90 -1.31 1.24
CA VAL A 13 8.95 -0.56 0.41
C VAL A 13 8.78 -1.34 -0.89
N GLY A 14 7.62 -1.97 -1.03
CA GLY A 14 7.38 -2.88 -2.12
C GLY A 14 6.40 -2.27 -3.08
N ASN A 15 6.28 -2.91 -4.25
CA ASN A 15 5.39 -2.48 -5.30
C ASN A 15 5.81 -1.12 -5.84
N ILE A 16 7.11 -0.88 -5.86
CA ILE A 16 7.71 0.36 -6.36
C ILE A 16 7.56 0.40 -7.89
N PRO A 17 7.37 1.57 -8.49
CA PRO A 17 7.18 1.63 -9.94
C PRO A 17 8.46 1.37 -10.73
N PHE A 18 8.25 0.80 -11.93
CA PHE A 18 9.35 0.59 -12.86
C PHE A 18 10.14 1.85 -13.09
N GLY A 19 11.46 1.73 -13.10
CA GLY A 19 12.25 2.82 -13.55
C GLY A 19 12.53 3.91 -12.53
N ILE A 20 12.11 3.75 -11.28
CA ILE A 20 12.34 4.77 -10.27
C ILE A 20 13.80 4.75 -9.83
N THR A 21 14.39 5.93 -9.76
CA THR A 21 15.73 6.07 -9.24
C THR A 21 15.71 6.23 -7.72
N GLU A 22 16.89 6.10 -7.14
CA GLU A 22 17.05 6.29 -5.71
C GLU A 22 16.78 7.73 -5.31
N GLU A 23 17.12 8.66 -6.19
CA GLU A 23 16.88 10.08 -5.94
C GLU A 23 15.37 10.37 -5.92
N ALA A 24 14.62 9.80 -6.86
CA ALA A 24 13.20 10.11 -6.90
C ALA A 24 12.49 9.52 -5.69
N MET A 25 12.86 8.30 -5.29
CA MET A 25 12.27 7.72 -4.09
C MET A 25 12.60 8.56 -2.87
N MET A 26 13.86 8.97 -2.74
CA MET A 26 14.27 9.75 -1.58
C MET A 26 13.53 11.08 -1.53
N ASP A 27 13.52 11.81 -2.65
CA ASP A 27 12.83 13.09 -2.70
C ASP A 27 11.35 12.96 -2.41
N PHE A 28 10.70 11.90 -2.91
CA PHE A 28 9.28 11.69 -2.62
C PHE A 28 9.03 11.49 -1.12
N PHE A 29 9.69 10.51 -0.50
CA PHE A 29 9.53 10.26 0.94
C PHE A 29 9.91 11.47 1.81
N ASN A 30 11.05 12.11 1.54
CA ASN A 30 11.46 13.27 2.32
C ASN A 30 10.41 14.39 2.25
N ALA A 31 9.98 14.73 1.04
CA ALA A 31 8.99 15.81 0.88
C ALA A 31 7.65 15.45 1.51
N GLN A 32 7.16 14.23 1.26
CA GLN A 32 5.86 13.85 1.80
C GLN A 32 5.87 13.74 3.33
N MET A 33 6.94 13.20 3.93
CA MET A 33 6.98 13.12 5.39
C MET A 33 6.98 14.51 6.00
N ARG A 34 7.68 15.45 5.38
CA ARG A 34 7.75 16.79 5.95
C ARG A 34 6.45 17.53 5.72
N LEU A 35 5.95 17.54 4.49
CA LEU A 35 4.63 18.12 4.21
C LEU A 35 3.54 17.48 5.03
N GLY A 36 3.65 16.18 5.29
CA GLY A 36 2.69 15.49 6.10
C GLY A 36 2.88 15.69 7.59
N GLY A 37 3.88 16.43 8.00
CA GLY A 37 4.09 16.61 9.43
C GLY A 37 4.53 15.36 10.17
N LEU A 38 5.14 14.39 9.50
CA LEU A 38 5.59 13.18 10.17
C LEU A 38 7.01 13.26 10.70
N THR A 39 7.76 14.27 10.32
CA THR A 39 9.13 14.40 10.81
C THR A 39 9.07 15.02 12.19
N GLN A 40 10.08 14.72 12.99
CA GLN A 40 10.07 15.14 14.38
C GLN A 40 11.18 16.12 14.65
N ALA A 41 11.92 16.51 13.63
CA ALA A 41 13.07 17.42 13.79
C ALA A 41 13.32 18.06 12.45
N PRO A 42 14.12 19.14 12.40
CA PRO A 42 14.37 19.79 11.13
C PRO A 42 15.15 18.90 10.18
N GLY A 43 14.97 19.15 8.89
CA GLY A 43 15.71 18.43 7.85
C GLY A 43 14.95 17.25 7.28
N ASN A 44 15.68 16.51 6.46
CA ASN A 44 15.20 15.32 5.76
C ASN A 44 15.33 14.07 6.62
N PRO A 45 14.26 13.26 6.76
CA PRO A 45 14.35 12.05 7.59
C PRO A 45 15.00 10.82 6.91
N VAL A 46 15.10 10.74 5.60
CA VAL A 46 15.57 9.53 4.93
C VAL A 46 17.06 9.71 4.68
N LEU A 47 17.86 8.75 5.10
CA LEU A 47 19.29 8.76 4.90
C LEU A 47 19.73 8.02 3.64
N ALA A 48 19.05 6.95 3.25
CA ALA A 48 19.52 6.09 2.17
C ALA A 48 18.38 5.30 1.55
N VAL A 49 18.61 4.82 0.33
CA VAL A 49 17.63 4.04 -0.41
C VAL A 49 18.38 3.01 -1.25
N GLN A 50 17.98 1.75 -1.11
CA GLN A 50 18.56 0.64 -1.87
C GLN A 50 17.42 0.02 -2.65
N ILE A 51 17.51 0.07 -3.98
CA ILE A 51 16.48 -0.46 -4.85
C ILE A 51 16.89 -1.80 -5.48
N ASN A 52 15.99 -2.76 -5.41
CA ASN A 52 16.06 -4.00 -6.20
C ASN A 52 15.04 -3.93 -7.34
N GLN A 53 15.50 -3.64 -8.55
CA GLN A 53 14.59 -3.50 -9.67
C GLN A 53 14.03 -4.84 -10.13
N ASP A 54 14.68 -5.94 -9.77
CA ASP A 54 14.22 -7.24 -10.22
C ASP A 54 13.01 -7.72 -9.45
N LYS A 55 12.80 -7.24 -8.22
CA LYS A 55 11.67 -7.67 -7.42
C LYS A 55 10.83 -6.48 -6.98
N ASN A 56 11.10 -5.29 -7.54
CA ASN A 56 10.27 -4.11 -7.40
C ASN A 56 10.07 -3.69 -5.93
N PHE A 57 11.16 -3.70 -5.16
CA PHE A 57 11.17 -3.22 -3.79
C PHE A 57 12.42 -2.42 -3.51
N ALA A 58 12.30 -1.58 -2.49
CA ALA A 58 13.43 -0.89 -1.91
C ALA A 58 13.44 -1.07 -0.41
N PHE A 59 14.62 -0.92 0.19
CA PHE A 59 14.76 -0.68 1.61
C PHE A 59 15.14 0.77 1.81
N LEU A 60 14.39 1.44 2.67
CA LEU A 60 14.66 2.81 3.04
C LEU A 60 15.33 2.81 4.40
N GLU A 61 16.30 3.72 4.58
CA GLU A 61 16.95 3.84 5.88
C GLU A 61 16.72 5.25 6.40
N PHE A 62 16.37 5.38 7.67
CA PHE A 62 15.92 6.67 8.19
C PHE A 62 16.90 7.10 9.27
N ARG A 63 16.90 8.41 9.55
CA ARG A 63 17.85 8.98 10.50
C ARG A 63 17.48 8.72 11.95
N SER A 64 16.31 8.16 12.20
CA SER A 64 15.83 8.00 13.56
C SER A 64 14.83 6.87 13.61
N VAL A 65 14.74 6.27 14.80
CA VAL A 65 13.81 5.17 15.05
C VAL A 65 12.35 5.65 15.00
N ASP A 66 12.07 6.80 15.61
CA ASP A 66 10.66 7.22 15.70
C ASP A 66 10.09 7.69 14.36
N GLU A 67 10.92 8.30 13.52
CA GLU A 67 10.47 8.68 12.18
C GLU A 67 10.29 7.46 11.29
N THR A 68 11.09 6.41 11.48
CA THR A 68 10.81 5.13 10.81
C THR A 68 9.40 4.63 11.13
N THR A 69 9.04 4.59 12.42
CA THR A 69 7.72 4.14 12.83
C THR A 69 6.62 5.02 12.21
N GLN A 70 6.76 6.35 12.32
CA GLN A 70 5.78 7.25 11.70
C GLN A 70 5.62 6.99 10.20
N ALA A 71 6.73 6.77 9.49
CA ALA A 71 6.71 6.43 8.07
C ALA A 71 5.76 5.25 7.73
N MET A 72 5.51 4.33 8.65
CA MET A 72 4.61 3.24 8.33
C MET A 72 3.18 3.71 8.09
N ALA A 73 2.85 4.93 8.51
CA ALA A 73 1.53 5.49 8.22
C ALA A 73 1.38 5.83 6.77
N PHE A 74 2.44 5.71 5.97
CA PHE A 74 2.35 5.87 4.53
C PHE A 74 2.09 4.54 3.79
N ASP A 75 1.84 3.44 4.49
CA ASP A 75 1.46 2.18 3.82
C ASP A 75 0.26 2.41 2.93
N GLY A 76 0.46 2.22 1.63
CA GLY A 76 -0.57 2.41 0.64
C GLY A 76 -0.57 3.75 -0.05
N ILE A 77 0.33 4.66 0.33
CA ILE A 77 0.47 5.92 -0.41
C ILE A 77 0.71 5.62 -1.88
N ILE A 78 0.13 6.45 -2.74
CA ILE A 78 0.24 6.25 -4.18
C ILE A 78 1.46 7.02 -4.67
N PHE A 79 2.34 6.34 -5.41
CA PHE A 79 3.51 6.93 -6.03
C PHE A 79 3.52 6.52 -7.51
N GLN A 80 3.33 7.47 -8.40
CA GLN A 80 3.28 7.20 -9.86
C GLN A 80 2.26 6.10 -10.18
N GLY A 81 1.11 6.19 -9.53
CA GLY A 81 -0.02 5.28 -9.73
C GLY A 81 -0.01 4.00 -8.93
N GLN A 82 1.02 3.74 -8.13
CA GLN A 82 1.14 2.46 -7.44
C GLN A 82 1.06 2.64 -5.94
N SER A 83 0.38 1.71 -5.28
CA SER A 83 0.26 1.71 -3.83
C SER A 83 1.52 1.09 -3.24
N LEU A 84 2.37 1.91 -2.64
CA LEU A 84 3.55 1.37 -1.99
C LEU A 84 3.21 0.58 -0.73
N LYS A 85 3.80 -0.60 -0.63
CA LYS A 85 3.63 -1.48 0.50
C LYS A 85 4.78 -1.24 1.48
N ILE A 86 4.47 -0.74 2.68
CA ILE A 86 5.51 -0.43 3.65
C ILE A 86 5.40 -1.45 4.77
N ARG A 87 6.52 -2.12 5.10
CA ARG A 87 6.56 -3.21 6.08
C ARG A 87 7.87 -3.16 6.88
N ARG A 88 7.85 -3.74 8.09
CA ARG A 88 9.06 -3.91 8.85
C ARG A 88 9.99 -4.89 8.14
N PRO A 89 11.30 -4.70 8.27
CA PRO A 89 12.25 -5.76 7.92
C PRO A 89 11.87 -7.06 8.62
N HIS A 90 11.99 -8.20 7.92
CA HIS A 90 11.71 -9.48 8.58
C HIS A 90 12.54 -9.70 9.82
N ASP A 91 13.76 -9.18 9.88
CA ASP A 91 14.54 -9.30 11.13
C ASP A 91 14.48 -8.04 11.97
N TYR A 92 13.38 -7.31 11.91
CA TYR A 92 13.19 -6.23 12.84
C TYR A 92 12.89 -6.81 14.20
N GLN A 93 13.51 -6.25 15.23
CA GLN A 93 13.06 -6.47 16.59
C GLN A 93 12.88 -5.13 17.28
N PRO A 94 11.74 -4.87 17.93
CA PRO A 94 11.51 -3.54 18.52
C PRO A 94 12.48 -3.26 19.65
N LEU A 95 12.82 -2.01 19.80
CA LEU A 95 13.64 -1.66 20.93
C LEU A 95 12.80 -1.63 22.21
N PRO A 96 13.39 -1.94 23.35
CA PRO A 96 12.64 -1.86 24.61
C PRO A 96 12.10 -0.45 24.83
N GLY A 97 10.82 -0.36 25.20
CA GLY A 97 10.20 0.92 25.47
C GLY A 97 9.71 1.63 24.24
N MET A 98 9.58 0.92 23.12
CA MET A 98 9.03 1.41 21.86
C MET A 98 7.96 0.43 21.41
N SER A 99 6.84 0.96 20.93
CA SER A 99 5.85 0.15 20.27
C SER A 99 6.02 0.26 18.76
N GLU A 100 5.69 -0.83 18.06
CA GLU A 100 6.12 -1.06 16.68
C GLU A 100 5.20 -0.46 15.63
N ASN A 101 4.12 0.20 16.01
CA ASN A 101 3.15 0.70 15.05
C ASN A 101 2.92 2.18 15.31
N PRO A 102 2.53 2.96 14.29
CA PRO A 102 2.54 4.42 14.40
C PRO A 102 1.33 5.04 15.09
N SER A 103 1.56 6.27 15.54
CA SER A 103 0.67 7.02 16.39
C SER A 103 -0.15 8.01 15.60
N VAL A 104 -0.11 7.88 14.28
CA VAL A 104 -0.57 8.93 13.39
C VAL A 104 -1.33 8.29 12.24
N TYR A 105 -2.30 9.02 11.73
CA TYR A 105 -3.09 8.63 10.57
C TYR A 105 -2.95 9.75 9.54
N VAL A 106 -2.66 9.41 8.31
CA VAL A 106 -2.51 10.43 7.24
C VAL A 106 -3.79 10.37 6.39
N PRO A 107 -4.65 11.39 6.48
CA PRO A 107 -5.88 11.38 5.68
C PRO A 107 -5.63 11.04 4.23
N GLY A 108 -6.45 10.16 3.69
CA GLY A 108 -6.36 9.83 2.29
C GLY A 108 -5.47 8.66 1.97
N VAL A 109 -4.61 8.20 2.88
CA VAL A 109 -3.80 6.99 2.62
C VAL A 109 -4.65 5.77 2.99
N VAL A 110 -4.73 4.83 2.06
CA VAL A 110 -5.50 3.60 2.16
C VAL A 110 -4.50 2.47 2.36
N SER A 111 -4.60 1.82 3.50
CA SER A 111 -3.68 0.76 3.85
C SER A 111 -3.76 -0.38 2.84
N THR A 112 -2.61 -1.05 2.62
CA THR A 112 -2.56 -2.20 1.73
C THR A 112 -2.84 -3.51 2.46
N VAL A 113 -2.93 -3.48 3.77
CA VAL A 113 -3.18 -4.69 4.55
C VAL A 113 -4.69 -4.91 4.63
N VAL A 114 -5.19 -5.93 3.94
CA VAL A 114 -6.63 -6.20 3.98
C VAL A 114 -6.91 -7.46 4.81
N PRO A 115 -7.11 -7.32 6.13
CA PRO A 115 -7.34 -8.51 6.96
C PRO A 115 -8.63 -9.24 6.60
N ASP A 116 -8.65 -10.56 6.82
CA ASP A 116 -9.85 -11.33 6.50
C ASP A 116 -11.00 -10.88 7.42
N SER A 117 -12.18 -10.70 6.83
CA SER A 117 -13.31 -10.24 7.64
C SER A 117 -14.58 -10.46 6.86
N ALA A 118 -15.70 -10.25 7.56
CA ALA A 118 -17.01 -10.42 6.96
C ALA A 118 -17.21 -9.52 5.74
N HIS A 119 -16.60 -8.33 5.74
CA HIS A 119 -16.85 -7.35 4.69
C HIS A 119 -15.73 -7.23 3.68
N LYS A 120 -14.70 -8.05 3.73
CA LYS A 120 -13.65 -7.87 2.74
C LYS A 120 -14.05 -8.55 1.44
N LEU A 121 -13.79 -7.84 0.34
CA LEU A 121 -14.24 -8.20 -0.98
C LEU A 121 -13.09 -8.69 -1.85
N PHE A 122 -13.45 -9.57 -2.77
CA PHE A 122 -12.57 -10.01 -3.83
C PHE A 122 -13.12 -9.42 -5.12
N ILE A 123 -12.24 -8.82 -5.89
CA ILE A 123 -12.55 -8.33 -7.23
C ILE A 123 -11.67 -9.10 -8.19
N GLY A 124 -12.29 -9.80 -9.15
CA GLY A 124 -11.61 -10.53 -10.21
C GLY A 124 -12.10 -10.08 -11.57
N GLY A 125 -11.33 -10.33 -12.61
CA GLY A 125 -11.70 -9.94 -13.94
C GLY A 125 -11.24 -8.56 -14.37
N LEU A 126 -10.37 -7.92 -13.59
CA LEU A 126 -9.90 -6.60 -13.94
C LEU A 126 -8.98 -6.68 -15.16
N PRO A 127 -9.14 -5.77 -16.12
CA PRO A 127 -8.09 -5.58 -17.13
C PRO A 127 -6.72 -5.39 -16.49
N ASN A 128 -5.71 -6.17 -16.86
CA ASN A 128 -4.50 -6.17 -16.06
C ASN A 128 -3.55 -5.00 -16.40
N TYR A 129 -4.00 -4.04 -17.19
CA TYR A 129 -3.26 -2.83 -17.48
C TYR A 129 -3.73 -1.64 -16.65
N LEU A 130 -4.72 -1.83 -15.78
CA LEU A 130 -5.16 -0.79 -14.87
C LEU A 130 -4.27 -0.81 -13.64
N ASN A 131 -3.76 0.35 -13.25
CA ASN A 131 -2.89 0.43 -12.10
C ASN A 131 -3.68 0.55 -10.81
N ASP A 132 -2.95 0.46 -9.69
CA ASP A 132 -3.57 0.47 -8.36
C ASP A 132 -4.51 1.66 -8.17
N ASP A 133 -4.10 2.86 -8.59
CA ASP A 133 -4.97 4.01 -8.38
C ASP A 133 -6.18 3.95 -9.28
N GLN A 134 -6.01 3.46 -10.52
CA GLN A 134 -7.15 3.35 -11.45
C GLN A 134 -8.17 2.32 -10.97
N VAL A 135 -7.72 1.22 -10.38
CA VAL A 135 -8.65 0.26 -9.76
C VAL A 135 -9.28 0.86 -8.51
N LYS A 136 -8.51 1.61 -7.69
CA LYS A 136 -9.13 2.26 -6.53
C LYS A 136 -10.19 3.26 -6.95
N GLU A 137 -9.92 4.05 -8.00
CA GLU A 137 -10.93 5.00 -8.45
C GLU A 137 -12.22 4.29 -8.85
N LEU A 138 -12.13 3.09 -9.41
CA LEU A 138 -13.32 2.30 -9.69
C LEU A 138 -14.09 1.99 -8.42
N LEU A 139 -13.46 1.32 -7.46
CA LEU A 139 -14.13 0.90 -6.24
C LEU A 139 -14.69 2.07 -5.44
N THR A 140 -14.01 3.23 -5.45
CA THR A 140 -14.47 4.34 -4.64
C THR A 140 -15.70 5.03 -5.23
N SER A 141 -16.25 4.50 -6.31
CA SER A 141 -17.56 5.03 -6.67
C SER A 141 -18.63 4.62 -5.65
N PHE A 142 -18.30 3.74 -4.69
CA PHE A 142 -19.21 3.43 -3.57
C PHE A 142 -18.73 3.98 -2.26
N GLY A 143 -17.74 4.86 -2.28
CA GLY A 143 -17.25 5.50 -1.08
C GLY A 143 -15.82 5.16 -0.76
N PRO A 144 -15.31 5.80 0.28
CA PRO A 144 -13.88 5.70 0.64
C PRO A 144 -13.51 4.29 1.01
N LEU A 145 -12.28 3.90 0.63
CA LEU A 145 -11.74 2.62 1.01
C LEU A 145 -11.02 2.69 2.35
N LYS A 146 -11.10 1.60 3.10
CA LYS A 146 -10.35 1.39 4.32
C LYS A 146 -9.06 0.63 4.05
N ALA A 147 -9.09 -0.36 3.15
CA ALA A 147 -7.87 -1.05 2.78
C ALA A 147 -7.98 -1.56 1.36
N PHE A 148 -6.84 -1.79 0.74
CA PHE A 148 -6.87 -2.22 -0.64
C PHE A 148 -5.49 -2.74 -1.09
N ASN A 149 -5.48 -3.87 -1.81
CA ASN A 149 -4.26 -4.31 -2.49
C ASN A 149 -4.62 -4.97 -3.81
N LEU A 150 -3.94 -4.53 -4.86
CA LEU A 150 -4.01 -5.14 -6.17
C LEU A 150 -2.83 -6.07 -6.35
N VAL A 151 -3.08 -7.27 -6.90
CA VAL A 151 -2.08 -8.33 -6.92
C VAL A 151 -1.33 -8.21 -8.23
N LYS A 152 0.01 -8.25 -8.17
CA LYS A 152 0.84 -8.03 -9.35
C LYS A 152 1.57 -9.31 -9.69
N ASP A 153 1.96 -9.41 -10.95
CA ASP A 153 2.72 -10.57 -11.44
C ASP A 153 4.20 -10.22 -11.41
N SER A 154 4.93 -10.90 -10.54
CA SER A 154 6.38 -10.74 -10.41
C SER A 154 7.10 -11.33 -11.62
N ALA A 155 6.92 -10.73 -12.80
CA ALA A 155 7.45 -11.30 -14.02
C ALA A 155 7.09 -10.46 -15.23
N THR A 156 5.89 -9.87 -15.22
CA THR A 156 5.48 -8.91 -16.23
C THR A 156 5.53 -7.47 -15.72
N GLY A 157 5.80 -7.29 -14.42
CA GLY A 157 5.61 -6.03 -13.75
C GLY A 157 4.20 -5.55 -14.04
N LEU A 158 3.21 -6.31 -13.56
CA LEU A 158 1.88 -6.14 -14.15
C LEU A 158 0.84 -6.81 -13.26
N SER A 159 -0.38 -6.30 -13.34
CA SER A 159 -1.49 -6.78 -12.52
C SER A 159 -1.87 -8.20 -12.92
N LYS A 160 -2.03 -9.08 -11.94
CA LYS A 160 -2.62 -10.39 -12.21
C LYS A 160 -4.13 -10.33 -12.42
N GLY A 161 -4.74 -9.14 -12.33
CA GLY A 161 -6.13 -8.95 -12.67
C GLY A 161 -7.14 -9.13 -11.55
N TYR A 162 -6.72 -9.28 -10.29
CA TYR A 162 -7.66 -9.37 -9.18
C TYR A 162 -7.15 -8.59 -7.97
N ALA A 163 -8.07 -8.24 -7.07
CA ALA A 163 -7.73 -7.39 -5.93
C ALA A 163 -8.63 -7.71 -4.74
N PHE A 164 -8.28 -7.11 -3.60
CA PHE A 164 -9.02 -7.21 -2.36
C PHE A 164 -9.23 -5.82 -1.78
N CYS A 165 -10.33 -5.64 -1.06
CA CYS A 165 -10.57 -4.33 -0.49
C CYS A 165 -11.58 -4.41 0.62
N GLU A 166 -11.68 -3.31 1.36
CA GLU A 166 -12.63 -3.15 2.42
C GLU A 166 -13.01 -1.68 2.48
N TYR A 167 -14.32 -1.41 2.50
CA TYR A 167 -14.85 -0.05 2.55
C TYR A 167 -14.84 0.50 3.97
N VAL A 168 -14.81 1.84 4.08
CA VAL A 168 -14.89 2.50 5.39
C VAL A 168 -16.27 2.28 6.00
N ASP A 169 -17.30 2.28 5.18
CA ASP A 169 -18.68 2.05 5.63
C ASP A 169 -19.02 0.58 5.42
N ILE A 170 -19.15 -0.14 6.53
CA ILE A 170 -19.56 -1.56 6.56
C ILE A 170 -20.69 -1.78 5.58
N ASN A 171 -21.69 -0.93 5.71
CA ASN A 171 -23.02 -1.16 5.17
C ASN A 171 -23.12 -0.93 3.68
N VAL A 172 -22.06 -0.47 3.01
CA VAL A 172 -22.08 -0.35 1.56
C VAL A 172 -21.64 -1.63 0.86
N THR A 173 -21.29 -2.66 1.61
CA THR A 173 -20.65 -3.83 1.03
C THR A 173 -21.55 -4.50 0.00
N ASP A 174 -22.84 -4.62 0.30
CA ASP A 174 -23.76 -5.31 -0.61
C ASP A 174 -24.07 -4.44 -1.81
N GLN A 175 -24.17 -3.13 -1.58
CA GLN A 175 -24.39 -2.21 -2.69
C GLN A 175 -23.20 -2.25 -3.63
N ALA A 176 -21.99 -2.40 -3.10
CA ALA A 176 -20.81 -2.50 -3.94
C ALA A 176 -20.84 -3.80 -4.77
N ILE A 177 -21.05 -4.96 -4.16
CA ILE A 177 -21.19 -6.18 -4.95
C ILE A 177 -22.29 -5.99 -6.00
N ALA A 178 -23.49 -5.61 -5.55
CA ALA A 178 -24.61 -5.38 -6.46
C ALA A 178 -24.19 -4.47 -7.60
N GLY A 179 -23.54 -3.36 -7.27
CA GLY A 179 -23.18 -2.35 -8.25
C GLY A 179 -22.04 -2.74 -9.18
N LEU A 180 -21.17 -3.69 -8.77
CA LEU A 180 -19.98 -4.07 -9.56
C LEU A 180 -19.97 -5.51 -10.04
N ASN A 181 -20.55 -6.45 -9.31
CA ASN A 181 -20.54 -7.84 -9.77
C ASN A 181 -21.18 -7.93 -11.14
N GLY A 182 -20.37 -8.31 -12.14
CA GLY A 182 -20.83 -8.49 -13.50
C GLY A 182 -20.67 -7.28 -14.41
N MET A 183 -20.31 -6.11 -13.89
CA MET A 183 -20.04 -4.98 -14.77
C MET A 183 -19.10 -5.40 -15.90
N GLN A 184 -19.44 -5.01 -17.13
CA GLN A 184 -18.55 -5.21 -18.27
C GLN A 184 -17.49 -4.11 -18.28
N LEU A 185 -16.24 -4.50 -18.55
CA LEU A 185 -15.13 -3.56 -18.51
C LEU A 185 -14.23 -3.87 -19.70
N GLY A 186 -14.27 -3.02 -20.71
CA GLY A 186 -13.71 -3.41 -21.98
C GLY A 186 -14.16 -4.82 -22.31
N ASP A 187 -13.20 -5.73 -22.44
CA ASP A 187 -13.47 -7.09 -22.89
C ASP A 187 -13.47 -8.09 -21.74
N LYS A 188 -14.14 -7.77 -20.64
CA LYS A 188 -14.21 -8.70 -19.52
C LYS A 188 -15.30 -8.23 -18.56
N LYS A 189 -15.91 -9.20 -17.87
CA LYS A 189 -16.92 -8.91 -16.87
C LYS A 189 -16.35 -9.12 -15.47
N LEU A 190 -16.72 -8.23 -14.56
CA LEU A 190 -16.22 -8.25 -13.18
C LEU A 190 -16.91 -9.31 -12.33
N LEU A 191 -16.10 -10.04 -11.55
CA LEU A 191 -16.60 -10.80 -10.42
C LEU A 191 -16.30 -10.05 -9.13
N VAL A 192 -17.31 -9.86 -8.29
CA VAL A 192 -17.12 -9.25 -6.99
C VAL A 192 -17.96 -10.00 -5.97
N GLN A 193 -17.32 -10.40 -4.87
CA GLN A 193 -17.99 -11.20 -3.85
C GLN A 193 -17.16 -11.11 -2.58
N ARG A 194 -17.77 -11.49 -1.45
CA ARG A 194 -17.01 -11.58 -0.20
C ARG A 194 -15.85 -12.56 -0.40
N ALA A 195 -14.66 -12.16 0.05
CA ALA A 195 -13.45 -12.92 -0.32
C ALA A 195 -13.46 -14.32 0.28
N SER A 196 -14.16 -14.52 1.39
CA SER A 196 -14.31 -15.86 1.97
C SER A 196 -14.94 -16.86 1.01
N VAL A 197 -15.48 -16.44 -0.13
CA VAL A 197 -16.26 -17.35 -0.97
C VAL A 197 -15.38 -18.15 -1.93
N GLY A 198 -14.24 -17.61 -2.34
CA GLY A 198 -13.40 -18.28 -3.31
C GLY A 198 -11.99 -18.41 -2.79
N ALA A 199 -11.85 -18.27 -1.48
CA ALA A 199 -10.55 -18.34 -0.82
C ALA A 199 -10.13 -19.78 -0.63
N LYS A 200 -9.01 -20.15 -1.25
CA LYS A 200 -8.40 -21.47 -1.09
C LYS A 200 -7.95 -21.66 0.34
N1 BRU B 6 11.26 -8.27 3.18
C2 BRU B 6 11.20 -7.68 4.48
N3 BRU B 6 10.00 -7.42 5.05
C4 BRU B 6 8.86 -7.68 4.41
C5 BRU B 6 8.94 -8.28 3.05
C6 BRU B 6 10.17 -8.57 2.48
O2 BRU B 6 12.25 -7.46 5.12
O4 BRU B 6 7.76 -7.44 4.93
BR BRU B 6 7.38 -8.75 2.09
C1' BRU B 6 12.51 -8.60 2.56
C2' BRU B 6 12.69 -10.14 2.47
C3' BRU B 6 13.49 -10.26 1.18
C4' BRU B 6 13.02 -9.10 0.32
O3' BRU B 6 14.83 -9.93 1.53
O4' BRU B 6 12.43 -8.15 1.23
C5' BRU B 6 12.03 -9.43 -0.80
O5' BRU B 6 10.98 -10.16 -0.18
P BRU B 6 10.36 -11.41 -0.98
OP1 BRU B 6 11.49 -12.26 -1.51
OP2 BRU B 6 9.20 -11.92 -0.19
NA NA C . 10.56 5.66 20.66
C1 PGE D . 0.14 16.34 3.18
O1 PGE D . -0.71 17.31 2.56
C2 PGE D . 0.59 15.32 2.15
O2 PGE D . 1.26 14.26 2.82
C3 PGE D . 0.66 12.99 2.62
C4 PGE D . 0.28 12.85 1.17
O4 PGE D . -3.84 11.36 -0.60
C6 PGE D . -2.87 11.06 0.41
C5 PGE D . -1.92 12.23 0.54
O3 PGE D . -0.65 11.79 1.03
C1 PEG E . -8.18 6.00 12.29
O1 PEG E . -8.71 6.68 13.36
C2 PEG E . -8.71 6.50 10.97
O2 PEG E . -8.93 5.46 10.00
C3 PEG E . -9.50 5.93 8.73
C4 PEG E . -9.67 4.84 7.68
O4 PEG E . -10.88 4.15 7.93
NA NA F . -5.52 -17.83 -11.72
#